data_4F19
#
_entry.id   4F19
#
_cell.length_a   36.970
_cell.length_b   124.440
_cell.length_c   41.010
_cell.angle_alpha   90.00
_cell.angle_beta   116.40
_cell.angle_gamma   90.00
#
_symmetry.space_group_name_H-M   'P 1 21 1'
#
loop_
_entity.id
_entity.type
_entity.pdbx_description
1 polymer 'Putative alkaline phosphatase'
2 non-polymer 'hydrogen arsenate'
3 water water
#
_entity_poly.entity_id   1
_entity_poly.type   'polypeptide(L)'
_entity_poly.pdbx_seq_one_letter_code
;MDINGGGATLPQALYQTSGVLTAGFAQYIGVGSGNGKAAFLNNDYTKFQAGVTNKNVHWAGSDSKLSATELSTYASAKQP
TWGKLIQVPSVGTSVAIPFNKSGSAAVDLSVQELCGVFSGRINTWDGISGSGRTGPIVVVYRSESSGTTELFTRFLNAKC
NAETGNFAVTTTFGTSFSGGLPAGAVAATGSQGVMTALAAGDGRITYMSPDFAAPTLAGLDDATKVARVGKNVATNTQGV
SPAAANVSAAIGAVPVPAAADRSNPDAWVPVFGPDNTAGVQPYPTSGYPILGFTNLIFSQCYADATQTTQVRDFFTKHYG
ASNNNDAAITANAFVPLPTAWKATVRASFLTASNALSIGNTNVCNGIGRPLLEAAHHHHHH
;
_entity_poly.pdbx_strand_id   A
#
# COMPACT_ATOMS: atom_id res chain seq x y z
N MET A 1 18.91 20.46 4.64
N MET A 1 20.26 20.39 2.56
CA MET A 1 19.28 19.93 3.29
CA MET A 1 19.16 19.90 3.48
C MET A 1 18.34 18.83 2.76
C MET A 1 18.36 18.81 2.76
N ASP A 2 18.43 17.55 3.29
CA ASP A 2 17.86 16.45 2.62
C ASP A 2 16.33 16.50 2.65
N ILE A 3 15.82 15.83 1.64
N ILE A 3 15.75 15.86 1.64
CA ILE A 3 14.38 15.58 1.51
CA ILE A 3 14.30 15.61 1.51
C ILE A 3 14.04 14.33 2.32
C ILE A 3 14.00 14.34 2.29
N ASN A 4 13.08 14.45 3.27
CA ASN A 4 12.78 13.39 4.23
C ASN A 4 11.42 12.76 3.95
N GLY A 5 11.44 11.43 3.72
CA GLY A 5 10.25 10.66 3.53
C GLY A 5 10.22 9.39 4.35
N GLY A 6 9.05 8.81 4.44
CA GLY A 6 8.82 7.65 5.28
C GLY A 6 7.35 7.32 5.31
N GLY A 7 6.99 6.28 6.08
CA GLY A 7 5.60 5.87 6.17
C GLY A 7 5.48 4.39 6.01
N ALA A 8 4.59 3.97 5.09
CA ALA A 8 4.28 2.57 4.83
C ALA A 8 5.52 1.70 4.87
N THR A 9 5.41 0.58 5.61
CA THR A 9 6.42 -0.44 5.60
C THR A 9 6.29 -1.44 4.42
N LEU A 10 5.08 -1.61 3.88
CA LEU A 10 4.91 -2.57 2.79
C LEU A 10 5.94 -2.37 1.69
N PRO A 11 6.22 -1.13 1.23
CA PRO A 11 7.18 -0.88 0.15
C PRO A 11 8.54 -0.37 0.65
N GLN A 12 8.83 -0.48 1.95
CA GLN A 12 10.03 0.20 2.41
CA GLN A 12 10.07 0.05 2.58
C GLN A 12 11.30 -0.38 1.80
N ALA A 13 11.36 -1.71 1.52
CA ALA A 13 12.58 -2.25 0.94
C ALA A 13 12.75 -1.79 -0.49
N LEU A 14 11.67 -1.45 -1.22
CA LEU A 14 11.79 -0.84 -2.52
C LEU A 14 12.44 0.55 -2.39
N TYR A 15 11.90 1.38 -1.51
CA TYR A 15 12.43 2.75 -1.42
C TYR A 15 13.83 2.79 -0.83
N GLN A 16 14.23 1.75 -0.10
N GLN A 16 14.22 1.77 -0.05
CA GLN A 16 15.57 1.56 0.39
CA GLN A 16 15.57 1.65 0.50
C GLN A 16 16.54 0.88 -0.54
C GLN A 16 16.54 1.04 -0.50
N THR A 17 16.08 0.52 -1.68
CA THR A 17 16.97 -0.07 -2.70
C THR A 17 17.84 1.07 -3.28
N SER A 18 19.14 0.85 -3.39
CA SER A 18 20.03 1.89 -3.86
C SER A 18 19.57 2.39 -5.22
N GLY A 19 19.54 3.70 -5.36
CA GLY A 19 19.18 4.33 -6.62
C GLY A 19 17.71 4.60 -6.87
N VAL A 20 16.80 4.01 -6.09
CA VAL A 20 15.37 4.23 -6.34
C VAL A 20 14.98 5.67 -5.99
N LEU A 21 15.36 6.14 -4.81
CA LEU A 21 15.26 7.53 -4.48
C LEU A 21 16.49 8.24 -5.03
N THR A 22 16.32 9.43 -5.59
CA THR A 22 17.32 10.15 -6.33
C THR A 22 18.08 11.16 -5.41
N ALA A 23 18.86 12.01 -6.03
CA ALA A 23 19.77 12.89 -5.26
C ALA A 23 18.97 13.78 -4.33
N GLY A 24 19.53 13.96 -3.12
CA GLY A 24 18.94 14.83 -2.12
C GLY A 24 17.98 14.12 -1.21
N PHE A 25 17.55 12.90 -1.53
CA PHE A 25 16.60 12.17 -0.67
C PHE A 25 17.33 11.42 0.43
N ALA A 26 16.93 11.68 1.64
CA ALA A 26 17.33 10.87 2.82
C ALA A 26 16.79 9.44 2.65
N GLN A 27 17.40 8.49 3.34
CA GLN A 27 16.88 7.13 3.24
CA GLN A 27 16.89 7.17 3.37
C GLN A 27 15.47 7.11 3.86
N TYR A 28 14.60 6.32 3.22
CA TYR A 28 13.24 6.17 3.62
C TYR A 28 13.11 5.50 4.98
N ILE A 29 12.18 6.00 5.79
CA ILE A 29 11.97 5.51 7.15
C ILE A 29 10.57 4.81 7.24
N GLY A 30 10.57 3.50 7.46
CA GLY A 30 9.32 2.76 7.58
C GLY A 30 8.75 2.78 8.97
N VAL A 31 7.56 3.35 9.12
CA VAL A 31 6.86 3.53 10.38
C VAL A 31 5.36 3.18 10.32
N GLY A 32 4.84 2.80 9.15
CA GLY A 32 3.42 2.57 8.99
C GLY A 32 2.75 3.72 8.26
N SER A 33 1.68 3.40 7.51
CA SER A 33 1.01 4.42 6.73
C SER A 33 0.31 5.46 7.56
N GLY A 34 -0.31 5.09 8.69
CA GLY A 34 -0.95 6.08 9.54
C GLY A 34 0.09 7.11 10.02
N ASN A 35 1.23 6.63 10.47
CA ASN A 35 2.29 7.52 10.89
C ASN A 35 2.85 8.37 9.74
N GLY A 36 2.96 7.77 8.54
CA GLY A 36 3.40 8.52 7.39
C GLY A 36 2.45 9.67 7.01
N LYS A 37 1.17 9.35 6.98
CA LYS A 37 0.19 10.40 6.68
C LYS A 37 0.27 11.48 7.72
N ALA A 38 0.30 11.14 9.00
CA ALA A 38 0.35 12.15 10.04
C ALA A 38 1.64 12.98 9.93
N ALA A 39 2.76 12.34 9.62
CA ALA A 39 4.02 13.04 9.45
C ALA A 39 3.90 14.12 8.39
N PHE A 40 3.34 13.74 7.23
CA PHE A 40 3.24 14.71 6.14
C PHE A 40 2.21 15.78 6.45
N LEU A 41 1.00 15.40 6.87
CA LEU A 41 -0.09 16.34 7.00
C LEU A 41 0.16 17.38 8.05
N ASN A 42 0.91 17.04 9.11
CA ASN A 42 1.21 17.91 10.20
C ASN A 42 2.66 18.41 10.17
N ASN A 43 3.45 18.01 9.20
CA ASN A 43 4.89 18.31 9.14
C ASN A 43 5.56 17.96 10.47
N ASP A 44 5.38 16.72 10.87
CA ASP A 44 5.81 16.22 12.22
C ASP A 44 6.82 15.10 12.05
N TYR A 45 8.10 15.47 12.09
CA TYR A 45 9.18 14.54 11.90
C TYR A 45 9.26 13.48 13.00
N THR A 46 8.71 13.76 14.16
CA THR A 46 8.76 12.77 15.22
C THR A 46 7.99 11.50 14.87
N LYS A 47 7.08 11.56 13.89
N LYS A 47 7.08 11.59 13.91
CA LYS A 47 6.38 10.44 13.37
CA LYS A 47 6.40 10.37 13.45
C LYS A 47 7.29 9.51 12.58
C LYS A 47 7.32 9.48 12.63
N PHE A 48 8.41 10.04 12.08
CA PHE A 48 9.48 9.26 11.46
C PHE A 48 10.54 8.81 12.46
N GLN A 49 11.12 9.74 13.19
N GLN A 49 10.86 9.78 13.40
CA GLN A 49 12.16 9.39 14.18
CA GLN A 49 11.85 9.61 14.54
C GLN A 49 11.67 9.95 15.53
C GLN A 49 11.37 10.33 15.81
N ALA A 50 11.23 9.09 16.42
N ALA A 50 10.89 9.60 16.88
CA ALA A 50 10.77 9.53 17.75
CA ALA A 50 10.14 10.34 18.04
C ALA A 50 11.89 10.37 18.40
C ALA A 50 10.82 11.47 18.86
N GLY A 51 11.49 11.46 19.05
N GLY A 51 12.08 11.39 18.82
CA GLY A 51 12.41 12.30 19.77
CA GLY A 51 12.90 12.31 19.60
C GLY A 51 13.20 13.24 18.91
C GLY A 51 13.58 13.38 18.80
N VAL A 52 13.00 13.27 17.58
N VAL A 52 13.08 13.60 17.56
CA VAL A 52 13.81 14.12 16.69
CA VAL A 52 13.73 14.52 16.72
C VAL A 52 12.87 15.17 16.06
C VAL A 52 12.71 15.46 16.15
N THR A 53 13.17 16.45 16.31
N THR A 53 12.95 16.75 16.35
CA THR A 53 12.25 17.58 15.93
CA THR A 53 12.01 17.73 15.98
C THR A 53 12.93 18.59 14.98
C THR A 53 12.56 18.84 15.14
N ASN A 54 14.20 18.41 14.60
N ASN A 54 13.82 18.77 14.70
CA ASN A 54 14.92 19.42 13.89
CA ASN A 54 14.42 19.91 13.96
C ASN A 54 14.96 19.26 12.38
C ASN A 54 14.51 19.75 12.46
N LYS A 55 13.99 18.50 11.81
N LYS A 55 13.65 18.86 11.93
CA LYS A 55 13.88 18.30 10.36
CA LYS A 55 13.58 18.54 10.49
C LYS A 55 12.42 18.44 9.96
C LYS A 55 12.18 18.67 10.05
N ASN A 56 12.13 18.80 8.72
CA ASN A 56 10.80 18.78 8.12
C ASN A 56 10.55 17.45 7.44
N VAL A 57 9.24 17.21 7.22
CA VAL A 57 8.78 16.05 6.44
C VAL A 57 8.44 16.57 5.02
N HIS A 58 8.95 15.90 4.01
CA HIS A 58 8.72 16.33 2.63
C HIS A 58 7.77 15.43 1.86
N TRP A 59 7.65 14.17 2.23
CA TRP A 59 6.80 13.22 1.47
C TRP A 59 6.55 12.02 2.38
N ALA A 60 5.56 11.22 1.95
CA ALA A 60 5.25 9.98 2.67
C ALA A 60 4.91 8.89 1.66
N GLY A 61 5.21 7.65 2.07
CA GLY A 61 4.62 6.47 1.46
C GLY A 61 3.42 6.04 2.26
N SER A 62 2.33 5.64 1.56
CA SER A 62 1.15 5.19 2.24
C SER A 62 0.41 4.19 1.35
N ASP A 63 -0.06 3.08 1.94
CA ASP A 63 -1.03 2.23 1.25
C ASP A 63 -2.44 2.40 1.82
N SER A 64 -2.61 3.41 2.66
CA SER A 64 -3.90 3.90 3.09
C SER A 64 -4.23 5.20 2.40
N LYS A 65 -5.38 5.29 1.78
CA LYS A 65 -5.76 6.56 1.11
C LYS A 65 -5.95 7.65 2.14
N LEU A 66 -5.70 8.88 1.71
CA LEU A 66 -6.08 10.03 2.53
C LEU A 66 -7.61 10.09 2.68
N SER A 67 -8.08 10.29 3.88
CA SER A 67 -9.50 10.35 4.16
C SER A 67 -10.06 11.74 3.77
N ALA A 68 -11.38 11.83 3.77
CA ALA A 68 -12.01 13.14 3.47
C ALA A 68 -11.57 14.15 4.50
N THR A 69 -11.50 13.78 5.76
CA THR A 69 -11.14 14.70 6.81
C THR A 69 -9.63 15.10 6.68
N GLU A 70 -8.78 14.14 6.40
N GLU A 70 -8.79 14.14 6.36
CA GLU A 70 -7.38 14.49 6.20
CA GLU A 70 -7.37 14.44 6.22
C GLU A 70 -7.22 15.50 5.06
C GLU A 70 -7.12 15.43 5.03
N LEU A 71 -7.88 15.22 3.94
CA LEU A 71 -7.79 16.12 2.78
C LEU A 71 -8.35 17.49 3.10
N SER A 72 -9.50 17.57 3.73
N SER A 72 -9.56 17.55 3.68
N SER A 72 -9.52 17.54 3.72
CA SER A 72 -10.13 18.85 3.98
CA SER A 72 -10.21 18.84 3.98
CA SER A 72 -10.17 18.82 3.99
C SER A 72 -9.33 19.68 4.97
C SER A 72 -9.40 19.67 4.97
C SER A 72 -9.35 19.67 4.96
N THR A 73 -8.83 19.02 6.00
CA THR A 73 -8.02 19.74 7.00
C THR A 73 -6.74 20.29 6.36
N TYR A 74 -6.07 19.50 5.52
CA TYR A 74 -4.85 19.99 4.87
C TYR A 74 -5.20 21.17 3.95
N ALA A 75 -6.30 21.04 3.20
CA ALA A 75 -6.71 22.09 2.27
C ALA A 75 -6.95 23.41 2.99
N SER A 76 -7.58 23.35 4.16
CA SER A 76 -7.87 24.61 4.84
CA SER A 76 -7.93 24.54 4.95
C SER A 76 -6.66 25.12 5.65
N ALA A 77 -5.90 24.22 6.30
CA ALA A 77 -4.85 24.70 7.17
C ALA A 77 -3.53 24.92 6.50
N LYS A 78 -3.16 24.11 5.50
CA LYS A 78 -1.82 24.09 4.93
C LYS A 78 -1.75 24.53 3.51
N GLN A 79 -2.71 24.13 2.65
CA GLN A 79 -2.63 24.46 1.23
C GLN A 79 -2.44 25.93 0.92
N PRO A 80 -3.02 26.88 1.68
CA PRO A 80 -2.82 28.28 1.29
C PRO A 80 -1.35 28.71 1.29
N THR A 81 -0.54 28.16 2.18
CA THR A 81 0.85 28.53 2.29
C THR A 81 1.80 27.50 1.75
N TRP A 82 1.41 26.24 1.63
CA TRP A 82 2.29 25.16 1.21
C TRP A 82 1.97 24.61 -0.18
N GLY A 83 0.79 24.96 -0.73
CA GLY A 83 0.35 24.42 -2.00
C GLY A 83 -0.47 23.14 -1.82
N LYS A 84 -1.07 22.71 -2.92
CA LYS A 84 -1.81 21.45 -2.95
C LYS A 84 -0.92 20.27 -2.64
N LEU A 85 -1.45 19.29 -1.89
N LEU A 85 -1.58 19.32 -1.97
CA LEU A 85 -0.78 18.01 -1.85
CA LEU A 85 -1.14 17.98 -1.72
C LEU A 85 -1.10 17.22 -3.11
C LEU A 85 -1.20 17.14 -3.09
N ILE A 86 -0.23 16.26 -3.36
CA ILE A 86 -0.27 15.31 -4.46
C ILE A 86 -0.31 13.92 -3.82
N GLN A 87 -1.26 13.09 -4.29
CA GLN A 87 -1.36 11.69 -3.89
C GLN A 87 -1.40 10.87 -5.16
N VAL A 88 -0.44 9.96 -5.36
CA VAL A 88 -0.33 9.22 -6.63
CA VAL A 88 -0.33 9.25 -6.64
C VAL A 88 0.08 7.81 -6.35
N PRO A 89 -0.45 6.84 -7.11
CA PRO A 89 0.05 5.46 -7.01
CA PRO A 89 0.05 5.46 -6.91
C PRO A 89 1.52 5.41 -7.32
N SER A 90 2.23 4.52 -6.59
CA SER A 90 3.63 4.22 -6.82
C SER A 90 3.78 2.92 -7.63
N VAL A 91 3.24 1.83 -7.08
CA VAL A 91 3.30 0.51 -7.67
C VAL A 91 2.01 -0.24 -7.28
N GLY A 92 1.75 -1.31 -8.07
CA GLY A 92 0.74 -2.26 -7.67
C GLY A 92 1.33 -3.38 -6.81
N THR A 93 0.48 -4.01 -6.01
CA THR A 93 0.94 -5.04 -5.09
C THR A 93 -0.17 -6.05 -4.87
N SER A 94 0.24 -7.31 -4.65
CA SER A 94 -0.62 -8.29 -4.03
C SER A 94 -0.59 -8.12 -2.50
N VAL A 95 -1.50 -8.83 -1.82
CA VAL A 95 -1.43 -9.02 -0.36
C VAL A 95 -1.29 -10.51 -0.15
N ALA A 96 -0.17 -10.95 0.39
CA ALA A 96 0.16 -12.35 0.62
C ALA A 96 -0.37 -12.82 1.97
N ILE A 97 -0.51 -14.15 2.11
CA ILE A 97 -1.01 -14.78 3.32
C ILE A 97 0.05 -15.84 3.78
N PRO A 98 1.16 -15.33 4.36
CA PRO A 98 2.16 -16.24 4.92
C PRO A 98 1.68 -16.87 6.21
N PHE A 99 2.22 -18.07 6.50
CA PHE A 99 1.84 -18.81 7.69
C PHE A 99 3.02 -19.66 8.14
N ASN A 100 2.96 -20.04 9.41
N ASN A 100 3.00 -19.98 9.45
CA ASN A 100 3.98 -20.87 10.02
CA ASN A 100 3.91 -20.87 10.25
C ASN A 100 3.34 -22.14 10.55
C ASN A 100 3.20 -22.19 10.57
N LYS A 101 3.28 -23.17 9.66
CA LYS A 101 2.68 -24.47 9.99
C LYS A 101 3.27 -25.45 9.00
N SER A 102 4.17 -26.31 9.44
CA SER A 102 4.92 -27.15 8.55
C SER A 102 4.03 -28.20 7.85
N GLY A 103 4.54 -28.74 6.77
CA GLY A 103 3.89 -29.84 6.07
C GLY A 103 4.10 -29.73 4.57
N SER A 104 4.30 -30.86 3.88
CA SER A 104 4.50 -30.80 2.45
C SER A 104 3.27 -30.46 1.64
N ALA A 105 2.09 -30.77 2.12
CA ALA A 105 0.85 -30.46 1.42
C ALA A 105 0.77 -28.96 1.16
N ALA A 106 0.31 -28.56 -0.01
CA ALA A 106 0.07 -27.14 -0.27
C ALA A 106 -1.17 -26.64 0.50
N VAL A 107 -1.02 -25.50 1.08
CA VAL A 107 -2.14 -24.80 1.70
C VAL A 107 -2.73 -23.86 0.66
N ASP A 108 -4.01 -24.08 0.32
CA ASP A 108 -4.71 -23.34 -0.68
C ASP A 108 -6.06 -22.96 -0.10
N LEU A 109 -6.23 -21.70 0.22
CA LEU A 109 -7.44 -21.22 0.81
C LEU A 109 -8.49 -20.88 -0.22
N SER A 110 -9.70 -21.36 -0.04
CA SER A 110 -10.82 -20.74 -0.73
C SER A 110 -11.01 -19.32 -0.14
N VAL A 111 -11.67 -18.45 -0.90
CA VAL A 111 -11.97 -17.14 -0.34
C VAL A 111 -12.82 -17.26 0.89
N GLN A 112 -13.80 -18.15 0.92
CA GLN A 112 -14.61 -18.27 2.11
C GLN A 112 -13.81 -18.84 3.30
N GLU A 113 -12.82 -19.71 3.06
CA GLU A 113 -11.95 -20.14 4.17
C GLU A 113 -11.11 -18.97 4.69
N LEU A 114 -10.58 -18.15 3.78
CA LEU A 114 -9.84 -16.96 4.22
C LEU A 114 -10.71 -16.09 5.13
N CYS A 115 -11.93 -15.84 4.68
CA CYS A 115 -12.89 -15.07 5.47
C CYS A 115 -13.06 -15.69 6.87
N GLY A 116 -13.24 -17.03 6.89
CA GLY A 116 -13.47 -17.69 8.17
C GLY A 116 -12.26 -17.68 9.07
N VAL A 117 -11.06 -17.77 8.54
CA VAL A 117 -9.88 -17.69 9.37
C VAL A 117 -9.79 -16.31 10.03
N PHE A 118 -10.00 -15.24 9.23
CA PHE A 118 -9.81 -13.90 9.77
C PHE A 118 -11.01 -13.40 10.57
N SER A 119 -12.16 -14.08 10.52
CA SER A 119 -13.28 -13.79 11.36
C SER A 119 -13.26 -14.62 12.67
N GLY A 120 -12.41 -15.64 12.72
CA GLY A 120 -12.37 -16.60 13.81
C GLY A 120 -13.33 -17.79 13.71
N ARG A 121 -14.17 -17.81 12.69
CA ARG A 121 -15.04 -18.97 12.45
C ARG A 121 -14.28 -20.25 12.27
N ILE A 122 -13.20 -20.20 11.52
CA ILE A 122 -12.30 -21.32 11.27
C ILE A 122 -11.05 -21.07 12.13
N ASN A 123 -10.84 -21.90 13.17
CA ASN A 123 -9.77 -21.68 14.12
C ASN A 123 -8.89 -22.89 14.33
N THR A 124 -8.97 -23.86 13.39
CA THR A 124 -8.10 -25.03 13.42
C THR A 124 -7.66 -25.28 11.98
N TRP A 125 -6.45 -25.82 11.90
N TRP A 125 -6.46 -25.84 11.72
CA TRP A 125 -5.84 -26.11 10.62
CA TRP A 125 -6.03 -26.19 10.37
C TRP A 125 -6.59 -27.21 9.86
C TRP A 125 -6.86 -27.27 9.73
N ASP A 126 -7.17 -28.10 10.66
N ASP A 126 -7.43 -28.10 10.60
CA ASP A 126 -7.98 -29.10 10.01
CA ASP A 126 -8.34 -29.14 10.06
C ASP A 126 -9.42 -28.56 9.52
C ASP A 126 -9.40 -28.51 9.23
N GLY A 127 -9.74 -27.28 9.66
CA GLY A 127 -10.84 -26.59 9.03
C GLY A 127 -10.51 -25.92 7.74
N ILE A 128 -9.25 -25.99 7.19
N ILE A 128 -9.28 -26.04 7.29
CA ILE A 128 -8.91 -25.58 5.77
CA ILE A 128 -8.86 -25.67 5.99
C ILE A 128 -8.87 -26.89 5.20
C ILE A 128 -8.79 -26.93 5.13
N SER A 129 -9.63 -27.06 4.09
N SER A 129 -9.68 -27.07 4.20
CA SER A 129 -9.74 -28.35 3.47
CA SER A 129 -9.75 -28.32 3.41
C SER A 129 -8.45 -28.69 2.69
C SER A 129 -8.40 -28.68 2.75
N GLY A 130 -8.07 -29.96 2.76
CA GLY A 130 -6.93 -30.44 2.06
C GLY A 130 -5.61 -29.95 2.58
N SER A 131 -5.54 -29.44 3.81
CA SER A 131 -4.32 -28.78 4.30
C SER A 131 -3.23 -29.74 4.77
N GLY A 132 -3.64 -30.98 5.12
CA GLY A 132 -2.73 -31.91 5.75
C GLY A 132 -2.31 -31.58 7.15
N ARG A 133 -2.92 -30.58 7.76
CA ARG A 133 -2.50 -29.99 9.03
C ARG A 133 -3.62 -30.04 10.01
N THR A 134 -3.24 -30.11 11.29
CA THR A 134 -4.18 -30.14 12.39
C THR A 134 -3.70 -29.18 13.47
N GLY A 135 -4.58 -28.85 14.36
CA GLY A 135 -4.24 -28.03 15.47
C GLY A 135 -4.68 -26.58 15.38
N PRO A 136 -4.43 -25.76 16.37
CA PRO A 136 -5.02 -24.41 16.40
C PRO A 136 -4.38 -23.45 15.37
N ILE A 137 -5.19 -22.54 14.89
CA ILE A 137 -4.73 -21.38 14.10
C ILE A 137 -4.69 -20.18 15.07
N VAL A 138 -3.60 -19.45 15.02
CA VAL A 138 -3.44 -18.15 15.73
C VAL A 138 -3.24 -17.07 14.63
N VAL A 139 -4.11 -16.07 14.64
CA VAL A 139 -4.03 -14.97 13.69
C VAL A 139 -3.12 -13.88 14.27
N VAL A 140 -2.16 -13.44 13.44
CA VAL A 140 -1.32 -12.30 13.78
C VAL A 140 -1.82 -11.11 12.92
N TYR A 141 -1.93 -9.95 13.52
CA TYR A 141 -2.42 -8.77 12.84
C TYR A 141 -1.65 -7.56 13.25
N ARG A 142 -1.80 -6.46 12.47
CA ARG A 142 -1.12 -5.21 12.77
C ARG A 142 -1.78 -4.41 13.83
N SER A 143 -0.96 -4.05 14.85
N SER A 143 -1.12 -4.10 14.93
CA SER A 143 -1.39 -3.29 16.00
CA SER A 143 -1.76 -3.27 15.97
C SER A 143 -1.78 -1.87 15.67
C SER A 143 -2.04 -1.88 15.56
N GLU A 144 -1.19 -1.30 14.68
CA GLU A 144 -1.24 0.13 14.38
C GLU A 144 -1.99 0.40 13.09
N SER A 145 -2.05 1.69 12.72
CA SER A 145 -2.75 2.13 11.52
C SER A 145 -1.93 1.78 10.30
N SER A 146 -2.41 0.79 9.53
CA SER A 146 -1.67 0.12 8.51
C SER A 146 -2.39 0.16 7.15
N GLY A 147 -1.64 0.51 6.13
CA GLY A 147 -2.14 0.42 4.77
C GLY A 147 -2.27 -0.99 4.25
N THR A 148 -1.42 -1.92 4.75
CA THR A 148 -1.63 -3.33 4.41
C THR A 148 -2.99 -3.76 4.95
N THR A 149 -3.30 -3.36 6.19
CA THR A 149 -4.62 -3.64 6.74
C THR A 149 -5.71 -3.06 5.83
N GLU A 150 -5.55 -1.82 5.36
CA GLU A 150 -6.58 -1.23 4.51
C GLU A 150 -6.74 -2.06 3.22
N LEU A 151 -5.64 -2.40 2.55
CA LEU A 151 -5.75 -3.18 1.32
C LEU A 151 -6.44 -4.52 1.57
N PHE A 152 -6.10 -5.16 2.69
CA PHE A 152 -6.63 -6.48 2.99
C PHE A 152 -8.13 -6.41 3.37
N THR A 153 -8.48 -5.44 4.24
CA THR A 153 -9.86 -5.32 4.65
C THR A 153 -10.75 -4.85 3.52
N ARG A 154 -10.23 -4.14 2.50
CA ARG A 154 -11.04 -3.89 1.32
C ARG A 154 -11.50 -5.21 0.69
N PHE A 155 -10.62 -6.19 0.65
CA PHE A 155 -10.94 -7.49 0.06
C PHE A 155 -11.95 -8.21 0.92
N LEU A 156 -11.71 -8.27 2.23
CA LEU A 156 -12.64 -8.96 3.14
C LEU A 156 -14.01 -8.31 3.11
N ASN A 157 -14.06 -6.96 3.07
CA ASN A 157 -15.30 -6.24 3.01
C ASN A 157 -16.10 -6.61 1.71
N ALA A 158 -15.38 -6.79 0.63
CA ALA A 158 -16.02 -7.10 -0.64
C ALA A 158 -16.49 -8.54 -0.75
N LYS A 159 -15.82 -9.49 -0.09
CA LYS A 159 -16.01 -10.90 -0.33
C LYS A 159 -16.63 -11.71 0.82
N CYS A 160 -16.51 -11.23 2.03
CA CYS A 160 -16.85 -12.04 3.20
C CYS A 160 -18.27 -11.76 3.63
N ASN A 161 -19.23 -12.31 2.89
CA ASN A 161 -20.65 -12.03 3.07
C ASN A 161 -21.41 -13.06 3.84
N ALA A 162 -20.71 -14.03 4.45
N ALA A 162 -20.71 -14.09 4.34
CA ALA A 162 -21.33 -15.20 5.13
CA ALA A 162 -21.37 -15.22 5.10
C ALA A 162 -20.77 -15.41 6.53
C ALA A 162 -20.89 -15.42 6.52
N GLU A 163 -20.35 -14.39 7.17
CA GLU A 163 -19.89 -14.45 8.56
C GLU A 163 -20.97 -14.01 9.51
N THR A 164 -20.73 -14.19 10.83
N THR A 164 -20.82 -14.15 10.79
CA THR A 164 -21.58 -13.62 11.94
CA THR A 164 -21.84 -13.66 11.68
C THR A 164 -21.00 -12.23 12.24
C THR A 164 -21.38 -12.25 12.24
N GLY A 165 -21.27 -11.35 11.34
CA GLY A 165 -20.76 -10.01 11.37
C GLY A 165 -20.16 -9.68 10.02
N ASN A 166 -19.64 -8.48 9.91
N ASN A 166 -19.61 -8.48 9.88
CA ASN A 166 -19.07 -7.92 8.67
CA ASN A 166 -18.96 -8.11 8.65
C ASN A 166 -17.71 -7.29 8.92
C ASN A 166 -17.71 -7.33 8.91
N PHE A 167 -16.83 -7.33 7.92
CA PHE A 167 -15.58 -6.61 7.97
C PHE A 167 -15.76 -5.21 7.37
N ALA A 168 -15.38 -4.21 8.17
CA ALA A 168 -15.25 -2.84 7.70
C ALA A 168 -13.91 -2.63 7.09
N VAL A 169 -13.85 -1.72 6.07
CA VAL A 169 -12.60 -1.24 5.57
C VAL A 169 -11.99 -0.31 6.63
N THR A 170 -10.75 -0.59 7.01
CA THR A 170 -10.11 0.14 8.09
C THR A 170 -8.61 0.00 7.95
N THR A 171 -7.90 0.87 8.69
CA THR A 171 -6.45 0.70 8.90
C THR A 171 -6.09 -0.03 10.16
N THR A 172 -7.09 -0.30 11.02
CA THR A 172 -6.83 -0.96 12.33
C THR A 172 -7.58 -2.29 12.34
N PHE A 173 -6.89 -3.36 12.04
CA PHE A 173 -7.53 -4.67 11.92
C PHE A 173 -8.27 -5.07 13.18
N GLY A 174 -7.75 -4.69 14.34
N GLY A 174 -7.85 -4.57 14.35
CA GLY A 174 -8.37 -5.10 15.57
CA GLY A 174 -8.52 -4.72 15.62
C GLY A 174 -9.81 -4.72 15.70
C GLY A 174 -9.92 -4.23 15.76
N THR A 175 -10.29 -3.76 14.93
N THR A 175 -10.38 -3.42 14.82
CA THR A 175 -11.72 -3.39 14.96
CA THR A 175 -11.74 -2.94 14.77
C THR A 175 -12.43 -3.67 13.64
C THR A 175 -12.38 -3.29 13.47
N SER A 176 -11.81 -4.23 12.64
CA SER A 176 -12.44 -4.44 11.34
C SER A 176 -13.73 -5.29 11.45
N PHE A 177 -13.62 -6.48 12.07
CA PHE A 177 -14.76 -7.38 12.05
C PHE A 177 -15.71 -7.01 13.15
N SER A 178 -16.99 -6.88 12.84
CA SER A 178 -17.98 -6.43 13.81
C SER A 178 -18.16 -7.44 14.95
N GLY A 179 -17.80 -8.68 14.76
CA GLY A 179 -17.83 -9.73 15.82
C GLY A 179 -16.55 -9.90 16.58
N GLY A 180 -15.60 -9.00 16.42
CA GLY A 180 -14.39 -9.06 17.20
C GLY A 180 -13.27 -9.80 16.56
N LEU A 181 -12.09 -9.70 17.19
CA LEU A 181 -10.95 -10.50 16.80
C LEU A 181 -11.17 -11.95 17.14
N PRO A 182 -10.49 -12.86 16.41
CA PRO A 182 -10.45 -14.24 16.86
C PRO A 182 -9.85 -14.34 18.24
N ALA A 183 -10.33 -15.25 19.09
CA ALA A 183 -9.70 -15.49 20.35
C ALA A 183 -8.22 -15.85 20.12
N GLY A 184 -7.34 -15.31 21.00
CA GLY A 184 -5.95 -15.64 20.93
C GLY A 184 -5.15 -14.90 19.86
N ALA A 185 -5.80 -13.99 19.09
CA ALA A 185 -5.03 -13.26 18.08
C ALA A 185 -3.89 -12.46 18.68
N VAL A 186 -2.82 -12.32 17.96
CA VAL A 186 -1.62 -11.65 18.42
C VAL A 186 -1.39 -10.40 17.57
N ALA A 187 -1.19 -9.28 18.23
CA ALA A 187 -0.88 -8.01 17.58
C ALA A 187 0.62 -7.83 17.46
N ALA A 188 1.08 -7.23 16.39
CA ALA A 188 2.48 -6.85 16.24
C ALA A 188 2.56 -5.60 15.38
N THR A 189 3.73 -4.98 15.37
CA THR A 189 3.92 -3.65 14.78
C THR A 189 4.88 -3.72 13.64
N GLY A 190 4.50 -3.12 12.48
CA GLY A 190 5.27 -3.15 11.29
C GLY A 190 5.16 -4.45 10.54
N SER A 191 5.49 -4.40 9.23
CA SER A 191 5.55 -5.65 8.44
C SER A 191 6.54 -6.65 9.08
N GLN A 192 7.74 -6.14 9.38
CA GLN A 192 8.77 -7.01 9.91
CA GLN A 192 8.76 -7.04 9.91
C GLN A 192 8.39 -7.53 11.29
N GLY A 193 7.81 -6.68 12.14
CA GLY A 193 7.39 -7.13 13.44
C GLY A 193 6.37 -8.24 13.37
N VAL A 194 5.44 -8.16 12.43
CA VAL A 194 4.50 -9.25 12.21
C VAL A 194 5.19 -10.50 11.76
N MET A 195 6.14 -10.43 10.84
CA MET A 195 6.85 -11.64 10.41
C MET A 195 7.64 -12.25 11.55
N THR A 196 8.23 -11.43 12.43
CA THR A 196 8.90 -11.98 13.61
C THR A 196 7.91 -12.71 14.52
N ALA A 197 6.74 -12.11 14.74
CA ALA A 197 5.72 -12.77 15.54
C ALA A 197 5.20 -14.02 14.90
N LEU A 198 5.05 -14.05 13.57
N LEU A 198 5.16 -14.06 13.56
CA LEU A 198 4.55 -15.24 12.92
CA LEU A 198 4.72 -15.20 12.70
C LEU A 198 5.38 -16.48 13.33
C LEU A 198 5.61 -16.44 12.91
N ALA A 199 6.68 -16.26 13.53
N ALA A 199 6.87 -16.22 12.94
CA ALA A 199 7.65 -17.28 13.82
CA ALA A 199 7.83 -17.26 13.14
C ALA A 199 7.74 -17.63 15.33
C ALA A 199 7.94 -17.75 14.54
N ALA A 200 7.12 -16.83 16.18
N ALA A 200 7.50 -16.99 15.45
CA ALA A 200 7.25 -16.89 17.63
CA ALA A 200 7.71 -17.14 16.92
C ALA A 200 6.27 -17.84 18.31
C ALA A 200 6.69 -18.05 17.53
N GLY A 201 5.46 -18.49 17.49
N GLY A 201 5.69 -18.57 16.74
CA GLY A 201 4.60 -19.55 18.02
CA GLY A 201 4.83 -19.56 17.38
C GLY A 201 4.10 -20.37 16.84
C GLY A 201 4.11 -20.43 16.44
N ASP A 202 3.80 -21.63 16.96
CA ASP A 202 3.36 -22.51 15.89
C ASP A 202 1.92 -22.18 15.46
N GLY A 203 1.63 -22.50 14.20
CA GLY A 203 0.29 -22.41 13.69
C GLY A 203 -0.26 -21.01 13.42
N ARG A 204 0.62 -20.05 13.22
CA ARG A 204 0.26 -18.67 13.01
C ARG A 204 0.06 -18.33 11.54
N ILE A 205 -0.80 -17.35 11.28
CA ILE A 205 -1.12 -16.91 9.91
C ILE A 205 -1.33 -15.40 9.94
N THR A 206 -1.05 -14.74 8.82
CA THR A 206 -1.25 -13.28 8.75
C THR A 206 -1.46 -12.87 7.27
N TYR A 207 -1.58 -11.57 7.10
CA TYR A 207 -1.61 -10.87 5.81
C TYR A 207 -0.39 -9.98 5.71
N MET A 208 0.17 -9.81 4.51
CA MET A 208 1.53 -9.26 4.47
C MET A 208 1.91 -8.75 3.07
N SER A 209 2.73 -7.70 3.09
CA SER A 209 3.45 -7.26 1.90
C SER A 209 4.11 -8.45 1.20
N PRO A 210 4.03 -8.58 -0.11
CA PRO A 210 4.70 -9.70 -0.76
C PRO A 210 6.20 -9.59 -0.71
N ASP A 211 6.75 -8.41 -0.44
CA ASP A 211 8.19 -8.23 -0.31
C ASP A 211 8.71 -8.74 1.03
N PHE A 212 7.86 -8.92 2.03
CA PHE A 212 8.24 -9.46 3.34
CA PHE A 212 8.19 -9.43 3.39
C PHE A 212 7.67 -10.84 3.61
N ALA A 213 6.69 -11.31 2.84
CA ALA A 213 6.03 -12.55 3.17
C ALA A 213 6.88 -13.79 2.94
N ALA A 214 7.94 -13.66 2.15
CA ALA A 214 8.92 -14.72 1.96
C ALA A 214 10.28 -14.07 1.81
N PRO A 215 11.38 -14.73 2.28
N PRO A 215 11.34 -14.79 2.11
CA PRO A 215 12.71 -14.19 2.14
CA PRO A 215 12.66 -14.17 2.09
C PRO A 215 13.17 -13.93 0.71
C PRO A 215 13.25 -14.00 0.68
N THR A 216 12.68 -14.74 -0.26
CA THR A 216 13.03 -14.66 -1.67
C THR A 216 11.75 -14.62 -2.47
N LEU A 217 11.82 -14.09 -3.69
CA LEU A 217 10.63 -14.07 -4.55
C LEU A 217 10.06 -15.45 -4.77
N ALA A 218 10.85 -16.49 -5.11
N ALA A 218 11.04 -16.40 -4.74
CA ALA A 218 10.31 -17.80 -5.40
CA ALA A 218 10.67 -17.83 -4.88
C ALA A 218 9.55 -18.35 -4.20
C ALA A 218 9.77 -18.32 -3.69
N GLY A 219 9.91 -17.89 -3.02
N GLY A 219 10.03 -17.79 -2.47
CA GLY A 219 9.20 -18.34 -1.84
CA GLY A 219 9.26 -18.26 -1.35
C GLY A 219 7.73 -17.96 -1.81
C GLY A 219 7.79 -17.92 -1.32
N LEU A 220 7.32 -16.95 -2.60
N LEU A 220 7.41 -16.91 -2.13
CA LEU A 220 5.89 -16.67 -2.69
CA LEU A 220 6.01 -16.64 -2.27
C LEU A 220 5.10 -17.83 -3.32
C LEU A 220 5.27 -17.78 -2.93
N ASP A 221 5.78 -18.66 -4.10
N ASP A 221 6.01 -18.64 -3.65
CA ASP A 221 5.20 -19.83 -4.71
CA ASP A 221 5.36 -19.69 -4.44
C ASP A 221 5.33 -21.09 -3.82
C ASP A 221 5.30 -20.99 -3.76
N ASP A 222 5.90 -21.00 -2.62
CA ASP A 222 5.98 -22.19 -1.75
C ASP A 222 4.75 -22.25 -0.89
N ALA A 223 3.79 -23.08 -1.27
CA ALA A 223 2.50 -23.16 -0.60
C ALA A 223 2.55 -23.93 0.74
N THR A 224 3.75 -24.32 1.18
CA THR A 224 3.96 -24.79 2.54
C THR A 224 4.26 -23.66 3.53
N LYS A 225 4.37 -22.46 2.96
N LYS A 225 4.41 -22.43 2.99
CA LYS A 225 4.76 -21.25 3.71
CA LYS A 225 4.63 -21.26 3.89
C LYS A 225 3.88 -20.03 3.37
C LYS A 225 3.81 -20.02 3.42
N VAL A 226 3.40 -19.92 2.15
CA VAL A 226 2.61 -18.75 1.67
C VAL A 226 1.39 -19.34 0.98
N ALA A 227 0.21 -19.08 1.52
CA ALA A 227 -0.98 -19.77 1.04
C ALA A 227 -1.32 -19.37 -0.38
N ARG A 228 -1.73 -20.32 -1.20
CA ARG A 228 -2.48 -19.99 -2.38
C ARG A 228 -3.86 -19.51 -1.98
N VAL A 229 -4.48 -18.67 -2.84
CA VAL A 229 -5.85 -18.21 -2.59
C VAL A 229 -6.64 -18.39 -3.88
N GLY A 230 -7.85 -18.89 -3.74
CA GLY A 230 -8.79 -19.05 -4.85
C GLY A 230 -9.26 -20.46 -5.09
N LYS A 231 -8.91 -21.43 -4.20
CA LYS A 231 -9.45 -22.77 -4.27
CA LYS A 231 -9.40 -22.82 -4.39
C LYS A 231 -10.93 -22.80 -4.45
N ASN A 232 -11.43 -23.70 -5.30
CA ASN A 232 -12.85 -24.03 -5.31
C ASN A 232 -12.93 -25.56 -5.50
N VAL A 233 -13.17 -26.30 -4.39
CA VAL A 233 -13.15 -27.76 -4.46
C VAL A 233 -14.23 -28.25 -5.37
N ALA A 234 -15.42 -27.68 -5.32
CA ALA A 234 -16.53 -28.19 -6.09
C ALA A 234 -16.28 -28.14 -7.59
N THR A 235 -15.59 -27.08 -8.05
CA THR A 235 -15.29 -26.95 -9.46
C THR A 235 -13.90 -27.45 -9.77
N ASN A 236 -13.23 -28.03 -8.82
CA ASN A 236 -11.92 -28.54 -8.97
C ASN A 236 -10.85 -27.49 -9.43
N THR A 237 -10.91 -26.34 -8.85
CA THR A 237 -10.10 -25.20 -9.26
C THR A 237 -9.07 -24.94 -8.18
N GLN A 238 -7.80 -24.87 -8.58
CA GLN A 238 -6.70 -24.52 -7.65
C GLN A 238 -6.63 -22.98 -7.49
N GLY A 239 -6.27 -22.57 -6.31
CA GLY A 239 -5.84 -21.21 -6.11
C GLY A 239 -4.45 -21.00 -6.57
C GLY A 239 -4.54 -20.84 -6.77
N VAL A 240 -4.01 -19.73 -6.63
N VAL A 240 -4.07 -19.63 -6.40
CA VAL A 240 -2.59 -19.42 -7.08
CA VAL A 240 -3.05 -19.00 -7.15
C VAL A 240 -1.94 -18.56 -6.00
C VAL A 240 -2.04 -18.38 -6.06
N SER A 241 -0.69 -18.34 -6.28
CA SER A 241 0.20 -17.65 -5.35
C SER A 241 0.11 -16.13 -5.51
N PRO A 242 0.62 -15.39 -4.50
CA PRO A 242 0.63 -13.92 -4.57
C PRO A 242 1.83 -13.34 -5.28
N ALA A 243 2.56 -14.13 -6.07
CA ALA A 243 3.60 -13.61 -6.92
C ALA A 243 3.08 -12.42 -7.74
N ALA A 244 3.93 -11.46 -8.01
CA ALA A 244 3.53 -10.28 -8.79
C ALA A 244 2.98 -10.65 -10.14
N ALA A 245 3.52 -11.68 -10.80
CA ALA A 245 2.99 -12.07 -12.10
C ALA A 245 1.56 -12.43 -12.05
N ASN A 246 1.00 -12.85 -10.91
N ASN A 246 1.05 -12.86 -10.89
CA ASN A 246 -0.37 -13.26 -10.80
CA ASN A 246 -0.30 -13.31 -10.77
C ASN A 246 -1.34 -12.16 -10.44
C ASN A 246 -1.30 -12.14 -10.57
N VAL A 247 -0.81 -10.93 -10.28
CA VAL A 247 -1.67 -9.74 -10.14
C VAL A 247 -1.35 -8.70 -11.25
N SER A 248 -0.32 -8.94 -12.06
CA SER A 248 0.08 -7.88 -12.95
CA SER A 248 0.13 -7.95 -13.08
CA SER A 248 0.12 -7.97 -13.05
C SER A 248 -0.95 -7.58 -14.02
N ALA A 249 -1.65 -8.56 -14.59
CA ALA A 249 -2.64 -8.24 -15.58
C ALA A 249 -3.76 -7.39 -15.01
N ALA A 250 -4.22 -7.72 -13.80
CA ALA A 250 -5.31 -6.97 -13.18
C ALA A 250 -4.87 -5.54 -12.88
N ILE A 251 -3.62 -5.34 -12.39
CA ILE A 251 -3.13 -4.00 -12.14
CA ILE A 251 -3.16 -3.96 -12.19
C ILE A 251 -3.12 -3.20 -13.48
N GLY A 252 -2.63 -3.85 -14.56
CA GLY A 252 -2.48 -3.16 -15.79
C GLY A 252 -3.81 -2.76 -16.45
N ALA A 253 -4.92 -3.40 -16.03
CA ALA A 253 -6.23 -3.09 -16.56
C ALA A 253 -6.94 -1.97 -15.82
N VAL A 254 -6.33 -1.43 -14.74
CA VAL A 254 -6.99 -0.37 -13.99
C VAL A 254 -6.96 0.93 -14.76
N PRO A 255 -8.08 1.59 -14.94
CA PRO A 255 -8.16 2.89 -15.68
CA PRO A 255 -7.98 2.81 -15.77
C PRO A 255 -7.32 3.98 -15.03
N VAL A 256 -6.73 4.82 -15.88
N VAL A 256 -7.00 5.02 -15.74
CA VAL A 256 -6.05 6.03 -15.37
CA VAL A 256 -6.54 6.29 -15.10
C VAL A 256 -7.10 6.95 -14.71
C VAL A 256 -7.74 7.12 -14.66
N PRO A 257 -6.64 7.89 -13.86
N PRO A 257 -7.44 8.07 -13.73
CA PRO A 257 -7.57 8.77 -13.18
CA PRO A 257 -8.49 8.97 -13.30
C PRO A 257 -8.34 9.62 -14.18
C PRO A 257 -9.07 9.78 -14.45
N ALA A 258 -9.63 9.81 -13.90
N ALA A 258 -10.36 10.08 -14.45
CA ALA A 258 -10.50 10.51 -14.85
CA ALA A 258 -11.00 10.91 -15.37
C ALA A 258 -10.05 11.95 -15.00
C ALA A 258 -10.28 12.30 -15.34
N ALA A 259 -9.90 12.37 -16.25
N ALA A 259 -10.12 12.91 -16.50
CA ALA A 259 -9.32 13.66 -16.58
CA ALA A 259 -9.42 14.21 -16.64
C ALA A 259 -9.94 14.82 -15.81
C ALA A 259 -10.01 15.15 -15.75
N ALA A 260 -11.29 14.95 -15.75
CA ALA A 260 -11.96 16.05 -15.14
C ALA A 260 -11.82 16.11 -13.64
N ASP A 261 -11.35 15.02 -13.02
CA ASP A 261 -11.25 14.87 -11.59
C ASP A 261 -9.83 14.98 -11.08
N ARG A 262 -8.86 15.28 -11.95
CA ARG A 262 -7.45 15.17 -11.56
C ARG A 262 -7.00 16.19 -10.53
N SER A 263 -7.72 17.30 -10.30
CA SER A 263 -7.33 18.17 -9.22
CA SER A 263 -7.30 18.17 -9.21
CA SER A 263 -7.48 18.27 -9.23
C SER A 263 -7.68 17.62 -7.86
N ASN A 264 -8.47 16.53 -7.78
CA ASN A 264 -8.82 15.89 -6.53
C ASN A 264 -7.85 14.79 -6.23
N PRO A 265 -7.01 14.87 -5.18
CA PRO A 265 -6.06 13.78 -4.91
C PRO A 265 -6.73 12.44 -4.72
N ASP A 266 -7.97 12.42 -4.23
CA ASP A 266 -8.65 11.13 -4.04
C ASP A 266 -8.84 10.38 -5.37
N ALA A 267 -8.95 11.11 -6.47
CA ALA A 267 -9.23 10.51 -7.78
C ALA A 267 -8.06 9.74 -8.32
N TRP A 268 -6.86 9.96 -7.79
CA TRP A 268 -5.64 9.37 -8.33
C TRP A 268 -5.35 7.96 -7.85
N VAL A 269 -5.91 7.57 -6.70
CA VAL A 269 -5.62 6.25 -6.10
C VAL A 269 -6.77 5.31 -6.41
N PRO A 270 -6.57 4.35 -7.33
CA PRO A 270 -7.63 3.38 -7.55
C PRO A 270 -7.76 2.49 -6.34
N VAL A 271 -9.00 2.09 -6.04
CA VAL A 271 -9.24 1.09 -5.02
C VAL A 271 -10.08 0.01 -5.64
N PHE A 272 -9.80 -1.21 -5.18
CA PHE A 272 -10.64 -2.36 -5.47
C PHE A 272 -11.74 -2.42 -4.42
N GLY A 273 -12.83 -3.11 -4.75
CA GLY A 273 -13.96 -3.15 -3.86
C GLY A 273 -15.02 -4.04 -4.39
N PRO A 274 -16.25 -3.93 -3.87
CA PRO A 274 -17.34 -4.82 -4.29
C PRO A 274 -17.66 -4.75 -5.73
N ASP A 275 -18.15 -5.81 -6.29
N ASP A 275 -18.22 -5.87 -6.19
CA ASP A 275 -18.58 -6.01 -7.66
CA ASP A 275 -18.66 -5.78 -7.58
C ASP A 275 -19.67 -4.89 -8.04
C ASP A 275 -19.88 -4.99 -7.57
N ASN A 276 -19.73 -4.49 -9.30
N ASN A 276 -20.02 -4.63 -8.79
CA ASN A 276 -20.85 -3.71 -9.87
CA ASN A 276 -21.14 -3.79 -9.34
C ASN A 276 -21.10 -2.56 -9.06
C ASN A 276 -21.15 -2.10 -8.88
N THR A 277 -20.02 -1.92 -8.60
N THR A 277 -20.00 -1.54 -8.44
CA THR A 277 -20.08 -0.73 -7.81
CA THR A 277 -19.93 -0.28 -7.61
C THR A 277 -19.22 0.29 -8.45
C THR A 277 -18.95 0.84 -8.18
N ALA A 278 -19.83 1.37 -9.01
N ALA A 278 -19.53 1.86 -8.88
CA ALA A 278 -19.08 2.32 -9.78
CA ALA A 278 -18.64 2.81 -9.52
C ALA A 278 -18.12 3.04 -8.81
C ALA A 278 -17.81 3.53 -8.38
N GLY A 279 -16.95 3.36 -9.32
N GLY A 279 -16.57 3.82 -8.85
CA GLY A 279 -15.96 4.06 -8.51
CA GLY A 279 -15.63 4.33 -7.84
C GLY A 279 -14.89 3.16 -7.89
C GLY A 279 -14.61 3.38 -7.22
N VAL A 280 -15.15 1.88 -7.92
N VAL A 280 -14.87 2.13 -7.38
CA VAL A 280 -14.20 0.87 -7.40
CA VAL A 280 -13.98 1.02 -7.11
C VAL A 280 -14.03 -0.16 -8.42
C VAL A 280 -13.87 0.07 -8.35
N GLN A 281 -12.78 -0.67 -8.51
CA GLN A 281 -12.54 -1.75 -9.46
C GLN A 281 -12.96 -3.06 -8.81
N PRO A 282 -13.67 -3.93 -9.49
CA PRO A 282 -13.96 -5.22 -8.94
C PRO A 282 -12.67 -6.02 -8.80
N TYR A 283 -12.60 -6.90 -7.81
CA TYR A 283 -11.46 -7.78 -7.72
C TYR A 283 -11.45 -8.73 -8.91
N PRO A 284 -10.27 -9.09 -9.37
CA PRO A 284 -10.16 -9.89 -10.62
C PRO A 284 -10.65 -11.28 -10.44
N THR A 285 -11.18 -11.81 -11.58
N THR A 285 -11.19 -11.93 -11.45
CA THR A 285 -11.75 -13.10 -11.69
CA THR A 285 -11.48 -13.37 -11.26
C THR A 285 -10.71 -14.23 -11.91
C THR A 285 -10.42 -14.20 -12.01
N SER A 286 -9.57 -13.85 -12.39
N SER A 286 -9.50 -13.68 -12.78
CA SER A 286 -8.50 -14.71 -12.72
CA SER A 286 -8.33 -14.49 -13.12
C SER A 286 -7.28 -14.26 -11.93
C SER A 286 -7.15 -14.04 -12.28
N GLY A 287 -6.24 -15.07 -11.93
N GLY A 287 -6.04 -14.76 -12.35
CA GLY A 287 -5.01 -14.76 -11.24
CA GLY A 287 -4.94 -14.43 -11.47
C GLY A 287 -5.31 -14.73 -9.73
C GLY A 287 -5.24 -14.59 -9.95
N TYR A 288 -4.39 -14.00 -9.07
CA TYR A 288 -4.48 -13.90 -7.61
C TYR A 288 -5.44 -12.78 -7.23
N PRO A 289 -6.34 -12.96 -6.28
CA PRO A 289 -7.45 -12.00 -6.15
C PRO A 289 -7.18 -10.80 -5.24
N ILE A 290 -6.20 -10.88 -4.31
CA ILE A 290 -6.04 -9.84 -3.28
C ILE A 290 -4.92 -8.88 -3.72
N LEU A 291 -5.28 -7.63 -4.06
CA LEU A 291 -4.33 -6.68 -4.66
C LEU A 291 -4.79 -5.26 -4.38
N GLY A 292 -3.89 -4.33 -4.66
CA GLY A 292 -4.21 -2.92 -4.63
C GLY A 292 -2.95 -2.11 -4.96
N PHE A 293 -3.00 -0.82 -4.61
CA PHE A 293 -1.89 0.10 -4.87
C PHE A 293 -1.31 0.59 -3.55
N THR A 294 0.01 0.85 -3.61
CA THR A 294 0.67 1.68 -2.59
C THR A 294 1.11 2.98 -3.26
N ASN A 295 1.08 4.06 -2.47
CA ASN A 295 1.01 5.43 -3.00
C ASN A 295 2.11 6.30 -2.40
N LEU A 296 2.25 7.46 -3.04
N LEU A 296 2.34 7.42 -3.12
CA LEU A 296 3.18 8.50 -2.57
CA LEU A 296 3.15 8.56 -2.68
C LEU A 296 2.37 9.76 -2.34
C LEU A 296 2.23 9.73 -2.29
N ILE A 297 2.74 10.51 -1.31
CA ILE A 297 2.15 11.77 -0.93
C ILE A 297 3.26 12.80 -0.91
N PHE A 298 3.14 13.82 -1.77
CA PHE A 298 4.12 14.91 -1.91
C PHE A 298 3.36 16.25 -1.83
N SER A 299 4.14 17.33 -1.72
CA SER A 299 3.60 18.67 -2.00
C SER A 299 3.83 19.05 -3.46
N GLN A 300 2.91 19.82 -4.03
CA GLN A 300 3.17 20.46 -5.32
C GLN A 300 4.30 21.47 -5.23
N CYS A 301 4.43 22.10 -4.04
CA CYS A 301 5.28 23.27 -3.91
C CYS A 301 6.21 23.12 -2.68
N TYR A 302 7.44 23.54 -2.88
CA TYR A 302 8.46 23.59 -1.80
C TYR A 302 9.06 24.98 -1.89
N ALA A 303 9.18 25.65 -0.74
CA ALA A 303 9.71 27.01 -0.76
C ALA A 303 11.12 27.01 -1.34
N ASP A 304 11.92 25.97 -1.09
CA ASP A 304 13.26 25.92 -1.60
C ASP A 304 13.33 25.42 -3.01
N ALA A 305 14.10 26.13 -3.84
CA ALA A 305 14.23 25.77 -5.25
C ALA A 305 14.99 24.46 -5.43
N THR A 306 16.03 24.18 -4.67
CA THR A 306 16.75 22.94 -4.80
C THR A 306 15.85 21.76 -4.40
N GLN A 307 15.15 21.87 -3.30
CA GLN A 307 14.28 20.79 -2.92
C GLN A 307 13.21 20.53 -4.03
N THR A 308 12.67 21.62 -4.61
CA THR A 308 11.71 21.46 -5.68
C THR A 308 12.29 20.68 -6.84
N THR A 309 13.49 21.06 -7.29
CA THR A 309 14.14 20.37 -8.39
C THR A 309 14.38 18.90 -8.06
N GLN A 310 14.83 18.63 -6.84
CA GLN A 310 15.11 17.28 -6.37
CA GLN A 310 15.15 17.27 -6.59
C GLN A 310 13.86 16.42 -6.42
N VAL A 311 12.72 16.96 -5.98
CA VAL A 311 11.48 16.23 -6.04
C VAL A 311 11.08 15.95 -7.49
N ARG A 312 11.18 16.97 -8.36
CA ARG A 312 10.89 16.73 -9.76
C ARG A 312 11.77 15.67 -10.36
N ASP A 313 13.06 15.64 -10.01
CA ASP A 313 13.94 14.64 -10.56
C ASP A 313 13.56 13.23 -10.10
N PHE A 314 13.04 13.07 -8.88
CA PHE A 314 12.56 11.77 -8.45
C PHE A 314 11.36 11.35 -9.30
N PHE A 315 10.38 12.25 -9.51
CA PHE A 315 9.24 11.91 -10.35
C PHE A 315 9.69 11.55 -11.76
N THR A 316 10.70 12.26 -12.31
CA THR A 316 11.20 11.97 -13.63
C THR A 316 11.72 10.55 -13.75
N LYS A 317 12.34 10.05 -12.70
CA LYS A 317 12.84 8.68 -12.62
C LYS A 317 11.68 7.69 -12.39
N HIS A 318 10.91 7.89 -11.32
CA HIS A 318 9.93 6.87 -10.89
C HIS A 318 8.80 6.70 -11.90
N TYR A 319 8.50 7.76 -12.65
CA TYR A 319 7.47 7.77 -13.66
C TYR A 319 8.04 7.94 -15.06
N GLY A 320 9.32 7.69 -15.25
CA GLY A 320 9.95 7.86 -16.56
C GLY A 320 9.68 6.70 -17.49
N ALA A 321 9.63 7.01 -18.77
CA ALA A 321 9.60 5.99 -19.80
C ALA A 321 10.90 5.19 -19.89
N SER A 322 12.05 5.86 -19.68
CA SER A 322 13.36 5.26 -19.70
C SER A 322 14.02 5.58 -18.38
N ASN A 323 15.07 4.81 -18.04
CA ASN A 323 15.87 5.08 -16.90
C ASN A 323 15.06 5.21 -15.70
N ASN A 324 14.18 4.22 -15.43
CA ASN A 324 13.19 4.29 -14.36
C ASN A 324 13.49 3.24 -13.29
N ASN A 325 12.57 3.09 -12.35
CA ASN A 325 12.72 2.18 -11.24
C ASN A 325 12.04 0.82 -11.45
N ASP A 326 11.60 0.50 -12.66
CA ASP A 326 10.78 -0.68 -12.85
C ASP A 326 11.50 -1.97 -12.50
N ALA A 327 12.78 -2.12 -12.80
CA ALA A 327 13.46 -3.35 -12.45
C ALA A 327 13.47 -3.54 -10.95
N ALA A 328 13.78 -2.49 -10.17
CA ALA A 328 13.77 -2.55 -8.73
C ALA A 328 12.38 -2.84 -8.19
N ILE A 329 11.34 -2.30 -8.85
CA ILE A 329 9.95 -2.59 -8.46
C ILE A 329 9.68 -4.08 -8.55
N THR A 330 10.04 -4.71 -9.72
N THR A 330 10.05 -4.63 -9.68
CA THR A 330 9.83 -6.15 -9.84
CA THR A 330 9.77 -6.10 -9.95
C THR A 330 10.61 -6.97 -8.83
C THR A 330 10.67 -6.93 -8.94
N ALA A 331 11.86 -6.51 -8.57
CA ALA A 331 12.72 -7.23 -7.65
C ALA A 331 12.15 -7.23 -6.23
N ASN A 332 11.28 -6.31 -5.92
CA ASN A 332 10.65 -6.18 -4.65
C ASN A 332 9.21 -6.69 -4.59
N ALA A 333 8.86 -7.57 -5.58
CA ALA A 333 7.61 -8.29 -5.61
C ALA A 333 6.42 -7.41 -5.96
N PHE A 334 6.66 -6.29 -6.63
CA PHE A 334 5.63 -5.35 -6.98
C PHE A 334 5.45 -5.25 -8.51
N VAL A 335 4.37 -4.58 -8.91
CA VAL A 335 4.00 -4.41 -10.30
C VAL A 335 4.24 -2.98 -10.75
N PRO A 336 5.07 -2.78 -11.78
N PRO A 336 5.07 -2.75 -11.76
CA PRO A 336 5.23 -1.44 -12.38
CA PRO A 336 5.26 -1.39 -12.19
C PRO A 336 3.92 -0.90 -12.92
C PRO A 336 4.03 -0.89 -12.94
N LEU A 337 3.85 0.40 -12.96
CA LEU A 337 2.71 1.02 -13.65
C LEU A 337 2.89 0.93 -15.17
N PRO A 338 1.84 0.79 -16.00
N PRO A 338 1.67 0.69 -15.75
CA PRO A 338 2.02 0.81 -17.48
CA PRO A 338 1.55 0.68 -17.18
C PRO A 338 2.39 2.15 -18.02
C PRO A 338 2.06 2.01 -17.72
N THR A 339 2.82 2.15 -19.25
N THR A 339 2.61 1.89 -18.94
CA THR A 339 3.17 3.44 -19.95
CA THR A 339 3.28 2.97 -19.65
C THR A 339 2.11 4.49 -19.75
C THR A 339 2.38 4.22 -19.74
N ALA A 340 0.80 4.16 -20.01
N ALA A 340 1.12 3.94 -20.04
CA ALA A 340 -0.23 5.22 -19.99
CA ALA A 340 0.15 5.02 -20.12
C ALA A 340 -0.40 5.79 -18.65
C ALA A 340 -0.15 5.69 -18.76
N TRP A 341 -0.19 4.94 -17.63
CA TRP A 341 -0.27 5.51 -16.27
C TRP A 341 0.89 6.44 -15.99
N LYS A 342 2.11 6.01 -16.33
CA LYS A 342 3.26 6.88 -16.13
C LYS A 342 3.06 8.20 -16.87
N ALA A 343 2.60 8.12 -18.11
CA ALA A 343 2.42 9.35 -18.91
C ALA A 343 1.40 10.28 -18.30
N THR A 344 0.36 9.72 -17.70
CA THR A 344 -0.68 10.51 -17.05
C THR A 344 -0.15 11.21 -15.81
N VAL A 345 0.64 10.50 -14.99
CA VAL A 345 1.29 11.11 -13.84
C VAL A 345 2.20 12.25 -14.30
N ARG A 346 3.03 11.99 -15.31
CA ARG A 346 3.94 13.05 -15.77
C ARG A 346 3.18 14.27 -16.28
N ALA A 347 2.10 14.04 -17.04
CA ALA A 347 1.38 15.14 -17.66
C ALA A 347 0.79 16.10 -16.62
N SER A 348 0.34 15.55 -15.48
CA SER A 348 -0.20 16.42 -14.45
C SER A 348 0.90 17.02 -13.53
N PHE A 349 1.85 16.19 -13.07
CA PHE A 349 2.70 16.57 -11.96
C PHE A 349 4.09 16.96 -12.39
N LEU A 350 4.48 16.80 -13.67
N LEU A 350 4.51 16.53 -13.57
CA LEU A 350 5.76 17.30 -14.19
CA LEU A 350 5.84 16.82 -14.04
C LEU A 350 5.60 18.41 -15.26
C LEU A 350 5.86 17.90 -15.12
N THR A 351 4.78 18.17 -16.24
N THR A 351 5.10 17.68 -16.17
CA THR A 351 4.73 19.07 -17.42
CA THR A 351 5.08 18.53 -17.31
C THR A 351 4.40 20.48 -16.91
C THR A 351 4.79 19.93 -16.89
N ALA A 352 5.26 21.43 -17.27
N ALA A 352 5.76 20.86 -17.13
CA ALA A 352 5.30 22.70 -16.55
CA ALA A 352 5.74 22.17 -16.49
C ALA A 352 4.00 23.46 -16.65
C ALA A 352 4.47 23.07 -16.71
N SER A 353 3.34 23.53 -17.82
N SER A 353 3.80 23.08 -17.92
CA SER A 353 2.11 24.33 -17.95
CA SER A 353 2.58 23.89 -18.17
C SER A 353 0.91 23.76 -17.25
C SER A 353 1.37 23.47 -17.45
N ASN A 354 0.99 22.50 -16.74
N ASN A 354 1.46 22.27 -16.85
CA ASN A 354 -0.17 21.96 -16.03
CA ASN A 354 0.27 21.82 -16.21
C ASN A 354 -0.33 22.73 -14.72
C ASN A 354 0.10 22.56 -14.88
N ALA A 355 -1.56 23.08 -14.35
N ALA A 355 -1.15 22.91 -14.52
CA ALA A 355 -1.87 23.68 -13.08
CA ALA A 355 -1.45 23.61 -13.30
C ALA A 355 -1.43 22.84 -11.91
C ALA A 355 -1.13 22.83 -12.03
N LEU A 356 -1.22 21.53 -12.09
CA LEU A 356 -0.87 20.63 -10.96
C LEU A 356 0.63 20.37 -10.86
N SER A 357 1.45 20.93 -11.73
CA SER A 357 2.82 20.50 -11.84
C SER A 357 3.69 20.96 -10.65
N ILE A 358 4.57 20.07 -10.22
CA ILE A 358 5.46 20.34 -9.10
C ILE A 358 6.33 21.55 -9.47
N GLY A 359 6.40 22.53 -8.57
CA GLY A 359 7.23 23.70 -8.82
C GLY A 359 6.72 24.66 -9.82
N ASN A 360 5.47 24.52 -10.27
CA ASN A 360 4.89 25.42 -11.29
C ASN A 360 5.15 26.87 -10.82
N THR A 361 5.80 27.67 -11.74
CA THR A 361 6.29 28.96 -11.30
C THR A 361 5.22 29.93 -11.01
N ASN A 362 4.01 29.76 -11.54
CA ASN A 362 2.86 30.55 -11.29
C ASN A 362 2.15 30.06 -10.06
N VAL A 363 1.72 28.81 -10.05
CA VAL A 363 0.93 28.26 -8.95
C VAL A 363 1.72 28.26 -7.63
N CYS A 364 3.01 27.92 -7.71
CA CYS A 364 3.85 27.85 -6.54
C CYS A 364 4.55 29.13 -6.22
N ASN A 365 4.18 30.25 -6.88
N ASN A 365 4.45 30.17 -7.03
CA ASN A 365 4.86 31.50 -6.67
CA ASN A 365 5.20 31.37 -6.71
C ASN A 365 4.78 31.93 -5.20
C ASN A 365 4.86 31.81 -5.33
N GLY A 366 5.88 32.00 -4.52
CA GLY A 366 5.91 32.42 -3.17
C GLY A 366 5.43 31.40 -2.09
N ILE A 367 5.11 30.20 -2.52
N ILE A 367 5.29 30.16 -2.40
CA ILE A 367 4.56 29.27 -1.56
CA ILE A 367 4.43 29.09 -1.74
C ILE A 367 5.37 27.98 -1.57
C ILE A 367 5.25 27.87 -1.62
N GLY A 368 5.05 27.12 -0.58
CA GLY A 368 5.58 25.78 -0.50
C GLY A 368 5.99 25.40 0.89
N ARG A 369 6.18 24.08 1.08
CA ARG A 369 6.56 23.65 2.39
CA ARG A 369 6.75 23.41 2.31
C ARG A 369 7.97 24.21 2.70
N PRO A 370 8.21 24.44 3.99
CA PRO A 370 9.36 25.34 4.37
C PRO A 370 10.71 24.69 4.32
N LEU A 371 11.77 25.45 4.20
CA LEU A 371 13.14 24.88 4.17
C LEU A 371 13.63 24.62 5.63
N LEU A 372 13.66 25.66 6.45
CA LEU A 372 13.98 25.51 7.86
C LEU A 372 12.82 24.85 8.60
N GLU A 373 13.17 24.20 9.72
CA GLU A 373 12.18 23.68 10.62
C GLU A 373 11.93 24.69 11.69
N ALA A 374 10.72 24.87 12.11
CA ALA A 374 10.43 25.75 13.31
C ALA A 374 9.15 25.30 13.95
N ALA A 375 9.15 25.14 15.30
CA ALA A 375 8.49 24.80 16.29
C ALA A 375 7.87 25.80 17.27
#